data_7TNF
#
_entry.id   7TNF
#
_cell.length_a   44.281
_cell.length_b   51.296
_cell.length_c   78.926
_cell.angle_alpha   90.000
_cell.angle_beta   92.080
_cell.angle_gamma   90.000
#
_symmetry.space_group_name_H-M   'P 1 21 1'
#
loop_
_entity.id
_entity.type
_entity.pdbx_description
1 polymer 'Cytochrome P450'
2 non-polymer 'PROTOPORPHYRIN IX CONTAINING FE'
3 non-polymer 'biphenyl-4-carboxylic acid'
4 non-polymer 'CHLORIDE ION'
5 non-polymer 'MAGNESIUM ION'
6 water water
#
_entity_poly.entity_id   1
_entity_poly.type   'polypeptide(L)'
_entity_poly.pdbx_seq_one_letter_code
;MISNSSAESISAPPNDSTIPHLAIDPFSLDFFDDPYPDQQTLRDAGPVVYLDKWNVYGVARYAEVHAVLNDPTTFCSSRG
VGLSDFKKEKPWRPPSLILEADPPAHTRPRAVLSKVLSPATMKTIRDGFAAAADAKVDELLQRGCIDAIADLAEAYPLSV
FPDAMGLKQEGREHLLPYAGLVFNAFGPPNELRQTAIERSAPHQAYVNEQCQRPNLAPGGFGACIHAFTDTGEITPDEAP
LLVRSLLSAGLDTTVNGIGAAVYCLARFPGELQRLRSDPTLARNAFEEAVRFESPVQTVFRTTTREVELGGAVIGEGEKV
LMFLGSANRDPRRWSDPDLYDITRKTSGHVGFGSGVHMCVGQLVARLEGEVMLSALARKVAAIDIDGPVKRRFNNTLRGL
ESLPVKLTPA
;
_entity_poly.pdbx_strand_id   A
#
loop_
_chem_comp.id
_chem_comp.type
_chem_comp.name
_chem_comp.formula
CL non-polymer 'CHLORIDE ION' 'Cl -1'
HEM non-polymer 'PROTOPORPHYRIN IX CONTAINING FE' 'C34 H32 Fe N4 O4'
MG non-polymer 'MAGNESIUM ION' 'Mg 2'
Z7Z non-polymer 'biphenyl-4-carboxylic acid' 'C13 H10 O2'
#
# COMPACT_ATOMS: atom_id res chain seq x y z
N THR A 18 -12.07 -31.38 -3.18
CA THR A 18 -10.66 -31.27 -3.57
C THR A 18 -10.01 -30.06 -2.93
N ILE A 19 -10.76 -28.97 -2.87
CA ILE A 19 -10.27 -27.71 -2.33
C ILE A 19 -10.79 -27.57 -0.91
N PRO A 20 -9.94 -27.25 0.07
CA PRO A 20 -10.43 -27.10 1.44
C PRO A 20 -11.27 -25.85 1.60
N HIS A 21 -12.30 -25.97 2.42
CA HIS A 21 -13.20 -24.87 2.76
C HIS A 21 -12.91 -24.40 4.18
N LEU A 22 -12.66 -23.10 4.34
CA LEU A 22 -12.40 -22.56 5.66
C LEU A 22 -13.35 -21.42 5.98
N ALA A 23 -13.63 -21.27 7.28
CA ALA A 23 -14.53 -20.26 7.80
C ALA A 23 -13.80 -19.00 8.25
N ILE A 24 -12.48 -18.99 8.15
CA ILE A 24 -11.68 -17.83 8.54
C ILE A 24 -12.22 -16.60 7.81
N ASP A 25 -12.42 -15.52 8.56
CA ASP A 25 -12.78 -14.22 7.99
C ASP A 25 -11.54 -13.33 7.98
N PRO A 26 -10.86 -13.17 6.84
CA PRO A 26 -9.65 -12.34 6.79
C PRO A 26 -9.92 -10.85 6.89
N PHE A 27 -11.19 -10.45 7.04
CA PHE A 27 -11.54 -9.04 7.22
C PHE A 27 -12.19 -8.79 8.57
N SER A 28 -12.02 -9.72 9.52
CA SER A 28 -12.55 -9.56 10.87
C SER A 28 -11.53 -8.84 11.75
N LEU A 29 -12.02 -8.16 12.78
CA LEU A 29 -11.08 -7.47 13.65
C LEU A 29 -10.15 -8.44 14.35
N ASP A 30 -10.64 -9.63 14.72
CA ASP A 30 -9.74 -10.60 15.35
C ASP A 30 -8.59 -10.99 14.43
N PHE A 31 -8.88 -11.16 13.14
CA PHE A 31 -7.84 -11.48 12.17
C PHE A 31 -6.84 -10.32 12.04
N PHE A 32 -7.35 -9.09 11.88
CA PHE A 32 -6.43 -7.95 11.80
C PHE A 32 -5.55 -7.85 13.02
N ASP A 33 -6.12 -8.12 14.21
CA ASP A 33 -5.36 -8.00 15.45
C ASP A 33 -4.14 -8.92 15.46
N ASP A 34 -4.26 -10.11 14.89
CA ASP A 34 -3.09 -10.99 14.80
C ASP A 34 -3.31 -11.97 13.65
N PRO A 35 -2.87 -11.62 12.44
CA PRO A 35 -3.21 -12.42 11.27
C PRO A 35 -2.33 -13.63 11.07
N TYR A 36 -1.23 -13.78 11.83
CA TYR A 36 -0.21 -14.73 11.40
C TYR A 36 -0.62 -16.19 11.61
N PRO A 37 -1.24 -16.58 12.72
CA PRO A 37 -1.71 -17.97 12.81
C PRO A 37 -2.68 -18.32 11.69
N ASP A 38 -3.67 -17.46 11.42
CA ASP A 38 -4.63 -17.80 10.37
C ASP A 38 -3.98 -17.82 9.00
N GLN A 39 -3.00 -16.94 8.75
CA GLN A 39 -2.30 -17.00 7.46
C GLN A 39 -1.54 -18.31 7.31
N GLN A 40 -0.90 -18.80 8.38
CA GLN A 40 -0.29 -20.13 8.28
C GLN A 40 -1.33 -21.19 7.99
N THR A 41 -2.48 -21.13 8.68
CA THR A 41 -3.54 -22.11 8.43
C THR A 41 -3.98 -22.08 6.97
N LEU A 42 -4.10 -20.89 6.40
CA LEU A 42 -4.48 -20.74 4.99
C LEU A 42 -3.40 -21.29 4.06
N ARG A 43 -2.12 -21.02 4.35
CA ARG A 43 -1.05 -21.57 3.52
C ARG A 43 -1.04 -23.09 3.60
N ASP A 44 -1.16 -23.63 4.82
CA ASP A 44 -0.92 -25.06 4.98
C ASP A 44 -2.12 -25.88 4.57
N ALA A 45 -3.29 -25.27 4.43
CA ALA A 45 -4.46 -26.02 3.97
C ALA A 45 -4.29 -26.51 2.54
N GLY A 46 -3.60 -25.74 1.70
CA GLY A 46 -3.37 -26.12 0.33
C GLY A 46 -3.02 -24.90 -0.48
N PRO A 47 -2.66 -25.09 -1.75
CA PRO A 47 -2.33 -23.94 -2.59
C PRO A 47 -3.51 -23.03 -2.88
N VAL A 48 -4.72 -23.58 -2.83
CA VAL A 48 -5.95 -22.82 -3.11
C VAL A 48 -6.98 -23.26 -2.09
N VAL A 49 -7.62 -22.31 -1.43
CA VAL A 49 -8.66 -22.59 -0.46
C VAL A 49 -9.94 -21.90 -0.93
N TYR A 50 -11.05 -22.27 -0.31
CA TYR A 50 -12.30 -21.56 -0.52
C TYR A 50 -12.75 -20.97 0.80
N LEU A 51 -13.00 -19.66 0.80
CA LEU A 51 -13.41 -18.93 2.00
C LEU A 51 -14.92 -18.84 2.01
N ASP A 52 -15.56 -19.72 2.78
CA ASP A 52 -17.02 -19.82 2.83
C ASP A 52 -17.68 -18.54 3.33
N LYS A 53 -16.97 -17.74 4.14
CA LYS A 53 -17.58 -16.55 4.72
C LYS A 53 -17.97 -15.56 3.63
N TRP A 54 -17.17 -15.48 2.56
CA TRP A 54 -17.38 -14.46 1.54
C TRP A 54 -17.53 -15.03 0.14
N ASN A 55 -17.50 -16.36 -0.01
CA ASN A 55 -17.63 -17.01 -1.31
C ASN A 55 -16.57 -16.53 -2.30
N VAL A 56 -15.30 -16.62 -1.87
CA VAL A 56 -14.17 -16.31 -2.73
C VAL A 56 -13.12 -17.41 -2.56
N TYR A 57 -12.33 -17.61 -3.61
CA TYR A 57 -11.13 -18.44 -3.50
C TYR A 57 -10.02 -17.63 -2.85
N GLY A 58 -9.16 -18.32 -2.11
CA GLY A 58 -8.00 -17.68 -1.50
C GLY A 58 -6.70 -18.38 -1.85
N VAL A 59 -5.65 -17.58 -2.05
CA VAL A 59 -4.30 -18.12 -2.21
C VAL A 59 -3.37 -17.37 -1.27
N ALA A 60 -2.67 -18.12 -0.44
CA ALA A 60 -1.85 -17.50 0.59
C ALA A 60 -0.38 -17.84 0.50
N ARG A 61 0.03 -18.78 -0.37
CA ARG A 61 1.43 -19.09 -0.55
C ARG A 61 2.06 -18.15 -1.57
N TYR A 62 3.37 -17.94 -1.44
CA TYR A 62 4.08 -17.10 -2.39
C TYR A 62 3.89 -17.56 -3.83
N ALA A 63 4.05 -18.86 -4.09
CA ALA A 63 4.06 -19.30 -5.48
C ALA A 63 2.77 -18.93 -6.20
N GLU A 64 1.61 -19.20 -5.58
CA GLU A 64 0.33 -18.94 -6.27
C GLU A 64 -0.01 -17.46 -6.31
N VAL A 65 0.34 -16.71 -5.25
CA VAL A 65 0.14 -15.26 -5.30
C VAL A 65 0.92 -14.67 -6.47
N HIS A 66 2.18 -15.10 -6.60
CA HIS A 66 3.01 -14.60 -7.69
C HIS A 66 2.46 -15.01 -9.04
N ALA A 67 2.00 -16.25 -9.17
CA ALA A 67 1.47 -16.71 -10.46
C ALA A 67 0.20 -15.95 -10.83
N VAL A 68 -0.69 -15.72 -9.86
CA VAL A 68 -1.94 -15.02 -10.19
C VAL A 68 -1.63 -13.60 -10.64
N LEU A 69 -0.81 -12.88 -9.86
CA LEU A 69 -0.51 -11.50 -10.22
C LEU A 69 0.08 -11.38 -11.61
N ASN A 70 0.80 -12.41 -12.06
CA ASN A 70 1.51 -12.37 -13.32
C ASN A 70 0.74 -12.99 -14.47
N ASP A 71 -0.55 -13.27 -14.28
CA ASP A 71 -1.44 -13.69 -15.36
C ASP A 71 -2.64 -12.76 -15.36
N PRO A 72 -2.49 -11.53 -15.86
CA PRO A 72 -3.62 -10.57 -15.84
C PRO A 72 -4.70 -10.91 -16.84
N THR A 73 -4.42 -11.76 -17.81
CA THR A 73 -5.46 -12.15 -18.76
C THR A 73 -6.49 -13.05 -18.09
N THR A 74 -6.01 -14.05 -17.35
CA THR A 74 -6.90 -14.98 -16.68
C THR A 74 -7.47 -14.38 -15.40
N PHE A 75 -6.65 -13.63 -14.67
CA PHE A 75 -7.04 -13.06 -13.37
C PHE A 75 -7.08 -11.54 -13.56
N CYS A 76 -8.23 -11.05 -14.00
CA CYS A 76 -8.30 -9.66 -14.43
C CYS A 76 -8.54 -8.72 -13.25
N SER A 77 -8.33 -7.43 -13.55
CA SER A 77 -8.55 -6.34 -12.59
C SER A 77 -9.75 -5.46 -12.94
N SER A 78 -10.28 -5.51 -14.16
CA SER A 78 -11.35 -4.59 -14.54
C SER A 78 -12.69 -4.93 -13.91
N ARG A 79 -12.84 -6.12 -13.33
CA ARG A 79 -14.00 -6.40 -12.51
C ARG A 79 -13.76 -6.08 -11.05
N GLY A 80 -12.71 -5.33 -10.75
CA GLY A 80 -12.46 -4.82 -9.41
C GLY A 80 -11.39 -5.64 -8.70
N VAL A 81 -10.59 -4.96 -7.88
CA VAL A 81 -9.58 -5.62 -7.07
C VAL A 81 -10.01 -5.71 -5.61
N GLY A 82 -11.29 -5.46 -5.32
CA GLY A 82 -11.90 -5.76 -4.05
C GLY A 82 -12.87 -6.93 -4.20
N LEU A 83 -13.67 -7.14 -3.14
CA LEU A 83 -14.63 -8.25 -3.20
C LEU A 83 -15.70 -8.00 -4.25
N SER A 84 -16.13 -6.76 -4.39
N SER A 84 -16.14 -6.75 -4.38
CA SER A 84 -17.21 -6.44 -5.33
CA SER A 84 -17.16 -6.37 -5.35
C SER A 84 -16.80 -6.73 -6.77
C SER A 84 -16.76 -6.79 -6.77
N ASP A 85 -17.72 -7.35 -7.51
CA ASP A 85 -17.50 -7.71 -8.91
C ASP A 85 -18.21 -6.64 -9.75
N PHE A 86 -17.42 -5.78 -10.42
CA PHE A 86 -18.02 -4.65 -11.15
C PHE A 86 -18.93 -5.11 -12.28
N LYS A 87 -18.86 -6.38 -12.68
CA LYS A 87 -19.85 -6.89 -13.62
C LYS A 87 -21.18 -7.14 -12.96
N LYS A 88 -21.20 -7.29 -11.63
N LYS A 88 -21.21 -7.28 -11.63
CA LYS A 88 -22.44 -7.55 -10.90
CA LYS A 88 -22.45 -7.55 -10.91
C LYS A 88 -22.98 -6.31 -10.20
C LYS A 88 -22.98 -6.36 -10.12
N GLU A 89 -22.11 -5.46 -9.66
CA GLU A 89 -22.53 -4.29 -8.90
C GLU A 89 -21.80 -3.08 -9.43
N LYS A 90 -22.45 -1.94 -9.37
CA LYS A 90 -21.81 -0.69 -9.76
C LYS A 90 -20.75 -0.33 -8.74
N PRO A 91 -19.57 0.14 -9.18
CA PRO A 91 -18.56 0.58 -8.20
C PRO A 91 -19.02 1.83 -7.48
N TRP A 92 -18.51 2.01 -6.26
CA TRP A 92 -18.94 3.15 -5.43
C TRP A 92 -18.46 4.49 -5.98
N ARG A 93 -17.44 4.48 -6.84
CA ARG A 93 -16.97 5.64 -7.56
C ARG A 93 -16.58 5.16 -8.94
N PRO A 94 -16.47 6.05 -9.93
CA PRO A 94 -16.03 5.63 -11.27
C PRO A 94 -14.75 4.82 -11.18
N PRO A 95 -14.62 3.75 -11.96
CA PRO A 95 -13.44 2.88 -11.85
C PRO A 95 -12.14 3.62 -12.13
N SER A 96 -11.10 3.25 -11.38
CA SER A 96 -9.76 3.73 -11.69
C SER A 96 -9.35 3.33 -13.11
N LEU A 97 -8.76 4.29 -13.85
CA LEU A 97 -8.30 4.04 -15.21
C LEU A 97 -7.04 3.19 -15.24
N ILE A 98 -6.41 2.98 -14.11
CA ILE A 98 -5.19 2.20 -14.06
C ILE A 98 -5.34 0.94 -13.19
N LEU A 99 -5.78 1.11 -11.93
CA LEU A 99 -5.88 -0.05 -11.04
C LEU A 99 -6.95 -1.04 -11.50
N GLU A 100 -8.06 -0.53 -12.01
CA GLU A 100 -9.28 -1.29 -12.31
C GLU A 100 -9.48 -1.38 -13.83
N ALA A 101 -8.35 -1.52 -14.53
CA ALA A 101 -8.29 -1.67 -15.97
C ALA A 101 -7.34 -2.82 -16.30
N ASP A 102 -7.62 -3.50 -17.40
CA ASP A 102 -6.75 -4.54 -17.91
C ASP A 102 -6.05 -4.07 -19.18
N PRO A 103 -4.96 -4.71 -19.57
CA PRO A 103 -4.42 -4.44 -20.91
C PRO A 103 -5.47 -4.81 -21.94
N PRO A 104 -5.61 -4.01 -23.02
CA PRO A 104 -4.76 -2.86 -23.33
C PRO A 104 -5.21 -1.52 -22.75
N ALA A 105 -6.43 -1.39 -22.20
CA ALA A 105 -6.84 -0.08 -21.69
C ALA A 105 -5.90 0.41 -20.61
N HIS A 106 -5.27 -0.50 -19.89
CA HIS A 106 -4.39 -0.15 -18.78
C HIS A 106 -3.09 0.49 -19.24
N THR A 107 -2.62 0.15 -20.44
CA THR A 107 -1.21 0.35 -20.80
C THR A 107 -0.83 1.82 -20.90
N ARG A 108 -1.64 2.65 -21.57
CA ARG A 108 -1.16 4.02 -21.73
C ARG A 108 -1.31 4.85 -20.46
N PRO A 109 -2.41 4.74 -19.72
CA PRO A 109 -2.46 5.40 -18.40
C PRO A 109 -1.32 4.98 -17.50
N ARG A 110 -0.96 3.68 -17.51
CA ARG A 110 0.19 3.18 -16.75
C ARG A 110 1.45 3.88 -17.19
N ALA A 111 1.65 4.03 -18.51
CA ALA A 111 2.88 4.62 -19.00
C ALA A 111 2.99 6.08 -18.59
N VAL A 112 1.87 6.80 -18.60
CA VAL A 112 1.86 8.19 -18.15
C VAL A 112 2.22 8.30 -16.69
N LEU A 113 1.59 7.48 -15.82
CA LEU A 113 1.97 7.57 -14.41
C LEU A 113 3.42 7.14 -14.19
N SER A 114 3.91 6.16 -14.97
N SER A 114 3.92 6.18 -14.97
CA SER A 114 5.31 5.76 -14.85
CA SER A 114 5.32 5.77 -14.83
C SER A 114 6.24 6.92 -15.16
C SER A 114 6.26 6.92 -15.18
N LYS A 115 5.92 7.71 -16.18
CA LYS A 115 6.76 8.84 -16.54
C LYS A 115 6.59 9.99 -15.56
N VAL A 116 5.39 10.17 -14.99
CA VAL A 116 5.21 11.21 -13.99
C VAL A 116 6.01 10.89 -12.74
N LEU A 117 6.01 9.63 -12.33
CA LEU A 117 6.70 9.19 -11.11
C LEU A 117 7.99 8.47 -11.44
N SER A 118 8.77 9.07 -12.33
CA SER A 118 9.98 8.47 -12.88
C SER A 118 11.22 8.87 -12.07
N PRO A 119 12.33 8.25 -12.41
CA PRO A 119 13.65 8.69 -11.89
C PRO A 119 13.94 10.18 -11.97
N ALA A 120 13.65 10.83 -13.09
CA ALA A 120 13.93 12.26 -13.18
C ALA A 120 13.08 13.04 -12.21
N THR A 121 11.82 12.64 -12.05
CA THR A 121 11.04 13.30 -11.02
C THR A 121 11.69 13.06 -9.66
N MET A 122 12.13 11.82 -9.41
CA MET A 122 12.73 11.52 -8.11
C MET A 122 13.94 12.41 -7.89
N LYS A 123 14.75 12.59 -8.94
CA LYS A 123 15.90 13.48 -8.79
C LYS A 123 15.46 14.91 -8.48
N THR A 124 14.31 15.36 -9.03
CA THR A 124 13.90 16.73 -8.73
C THR A 124 13.39 16.89 -7.30
N ILE A 125 12.85 15.84 -6.68
CA ILE A 125 12.23 16.00 -5.36
C ILE A 125 13.07 15.48 -4.20
N ARG A 126 14.15 14.74 -4.48
CA ARG A 126 14.86 14.05 -3.41
C ARG A 126 15.42 15.02 -2.37
N ASP A 127 16.02 16.13 -2.80
CA ASP A 127 16.66 16.99 -1.80
C ASP A 127 15.64 17.55 -0.81
N GLY A 128 14.47 17.95 -1.31
CA GLY A 128 13.46 18.48 -0.42
C GLY A 128 12.86 17.39 0.46
N PHE A 129 12.67 16.20 -0.10
CA PHE A 129 12.13 15.10 0.69
C PHE A 129 13.08 14.74 1.84
N ALA A 130 14.39 14.74 1.56
CA ALA A 130 15.37 14.41 2.60
C ALA A 130 15.46 15.51 3.64
N ALA A 131 15.50 16.77 3.21
CA ALA A 131 15.50 17.87 4.17
C ALA A 131 14.30 17.82 5.10
N ALA A 132 13.12 17.50 4.54
CA ALA A 132 11.93 17.42 5.38
C ALA A 132 12.03 16.28 6.38
N ALA A 133 12.63 15.17 5.97
CA ALA A 133 12.78 14.03 6.87
C ALA A 133 13.75 14.36 8.00
N ASP A 134 14.91 14.95 7.67
CA ASP A 134 15.85 15.37 8.69
C ASP A 134 15.22 16.38 9.65
N ALA A 135 14.50 17.35 9.10
CA ALA A 135 13.87 18.36 9.94
C ALA A 135 12.86 17.73 10.90
N LYS A 136 12.07 16.78 10.41
CA LYS A 136 11.07 16.15 11.26
C LYS A 136 11.72 15.37 12.41
N VAL A 137 12.78 14.63 12.10
CA VAL A 137 13.44 13.87 13.16
C VAL A 137 14.06 14.82 14.19
N ASP A 138 14.69 15.90 13.74
CA ASP A 138 15.23 16.89 14.67
C ASP A 138 14.12 17.43 15.56
N GLU A 139 12.98 17.77 14.96
CA GLU A 139 11.85 18.27 15.73
C GLU A 139 11.38 17.25 16.76
N LEU A 140 11.27 15.98 16.35
CA LEU A 140 10.79 14.95 17.27
C LEU A 140 11.76 14.73 18.42
N LEU A 141 13.06 14.84 18.13
CA LEU A 141 14.08 14.65 19.18
C LEU A 141 13.98 15.73 20.25
N GLN A 142 13.51 16.93 19.89
CA GLN A 142 13.30 17.95 20.91
C GLN A 142 12.16 17.58 21.85
N ARG A 143 11.15 16.85 21.36
CA ARG A 143 10.06 16.41 22.21
C ARG A 143 10.40 15.15 23.00
N GLY A 144 11.23 14.26 22.43
CA GLY A 144 11.65 13.05 23.12
C GLY A 144 10.62 11.94 23.05
N CYS A 145 9.50 12.14 23.73
CA CYS A 145 8.40 11.18 23.73
C CYS A 145 7.35 11.64 22.73
N ILE A 146 7.07 10.81 21.72
CA ILE A 146 6.20 11.17 20.61
C ILE A 146 5.30 9.99 20.28
N ASP A 147 4.33 10.22 19.40
CA ASP A 147 3.53 9.15 18.81
C ASP A 147 4.06 8.94 17.40
N ALA A 148 4.71 7.81 17.16
CA ALA A 148 5.35 7.63 15.86
C ALA A 148 4.34 7.48 14.72
N ILE A 149 3.05 7.36 15.01
CA ILE A 149 2.08 7.40 13.92
C ILE A 149 1.74 8.86 13.65
N ALA A 150 0.92 9.50 14.50
CA ALA A 150 0.52 10.88 14.20
C ALA A 150 1.72 11.80 13.94
N ASP A 151 2.76 11.68 14.75
CA ASP A 151 3.83 12.67 14.72
C ASP A 151 4.93 12.37 13.71
N LEU A 152 4.93 11.19 13.10
CA LEU A 152 6.02 10.80 12.22
C LEU A 152 5.47 10.11 10.97
N ALA A 153 4.82 8.94 11.14
CA ALA A 153 4.37 8.19 9.98
C ALA A 153 3.29 8.96 9.21
N GLU A 154 2.42 9.69 9.92
CA GLU A 154 1.49 10.58 9.25
C GLU A 154 2.12 11.93 8.94
N ALA A 155 2.76 12.54 9.93
CA ALA A 155 3.21 13.92 9.75
C ALA A 155 4.22 14.06 8.61
N TYR A 156 5.15 13.12 8.46
CA TYR A 156 6.16 13.30 7.43
C TYR A 156 5.57 13.20 6.03
N PRO A 157 4.85 12.15 5.66
CA PRO A 157 4.24 12.16 4.32
C PRO A 157 3.31 13.34 4.11
N LEU A 158 2.58 13.78 5.14
CA LEU A 158 1.73 14.96 4.95
C LEU A 158 2.57 16.19 4.67
N SER A 159 3.81 16.22 5.14
CA SER A 159 4.66 17.39 4.96
C SER A 159 5.32 17.44 3.60
N VAL A 160 5.31 16.35 2.82
CA VAL A 160 5.97 16.33 1.51
C VAL A 160 5.02 15.95 0.38
N PHE A 161 4.08 15.02 0.58
CA PHE A 161 3.38 14.48 -0.58
C PHE A 161 2.30 15.42 -1.13
N PRO A 162 1.43 16.00 -0.29
CA PRO A 162 0.47 16.99 -0.82
C PRO A 162 1.16 18.11 -1.56
N ASP A 163 2.28 18.61 -1.05
CA ASP A 163 3.02 19.65 -1.77
C ASP A 163 3.55 19.13 -3.10
N ALA A 164 4.12 17.92 -3.11
CA ALA A 164 4.63 17.36 -4.36
C ALA A 164 3.52 17.14 -5.39
N MET A 165 2.31 16.83 -4.93
CA MET A 165 1.14 16.75 -5.81
C MET A 165 0.78 18.11 -6.40
N GLY A 166 1.11 19.18 -5.69
CA GLY A 166 0.63 20.51 -6.06
C GLY A 166 -0.71 20.92 -5.48
N LEU A 167 -1.12 20.33 -4.37
CA LEU A 167 -2.39 20.65 -3.72
C LEU A 167 -2.29 21.97 -2.96
N LYS A 168 -3.39 22.72 -2.97
CA LYS A 168 -3.50 23.85 -2.05
C LYS A 168 -3.45 23.34 -0.61
N GLN A 169 -3.29 24.29 0.32
CA GLN A 169 -3.25 23.92 1.74
C GLN A 169 -4.64 23.56 2.25
N GLU A 170 -5.65 24.33 1.90
CA GLU A 170 -6.97 24.13 2.47
C GLU A 170 -7.53 22.78 2.07
N GLY A 171 -8.10 22.07 3.04
CA GLY A 171 -8.82 20.83 2.76
C GLY A 171 -7.98 19.58 2.88
N ARG A 172 -6.69 19.70 3.13
CA ARG A 172 -5.84 18.51 3.16
C ARG A 172 -6.25 17.54 4.24
N GLU A 173 -7.03 17.98 5.23
CA GLU A 173 -7.53 17.06 6.25
C GLU A 173 -8.45 15.99 5.65
N HIS A 174 -8.86 16.14 4.40
CA HIS A 174 -9.69 15.11 3.75
C HIS A 174 -8.89 13.96 3.19
N LEU A 175 -7.57 14.08 3.09
CA LEU A 175 -6.80 13.13 2.29
C LEU A 175 -6.73 11.76 2.96
N LEU A 176 -6.38 11.72 4.25
CA LEU A 176 -6.29 10.43 4.92
C LEU A 176 -7.67 9.78 5.05
N PRO A 177 -8.72 10.53 5.43
CA PRO A 177 -10.06 9.93 5.42
C PRO A 177 -10.45 9.38 4.07
N TYR A 178 -10.15 10.11 2.99
CA TYR A 178 -10.50 9.61 1.66
C TYR A 178 -9.77 8.31 1.37
N ALA A 179 -8.47 8.25 1.69
CA ALA A 179 -7.72 7.03 1.42
C ALA A 179 -8.20 5.87 2.29
N GLY A 180 -8.49 6.14 3.57
CA GLY A 180 -9.06 5.10 4.41
C GLY A 180 -10.32 4.51 3.81
N LEU A 181 -11.15 5.38 3.24
CA LEU A 181 -12.37 4.97 2.56
C LEU A 181 -12.05 4.09 1.35
N VAL A 182 -11.15 4.56 0.48
CA VAL A 182 -10.78 3.77 -0.69
C VAL A 182 -10.35 2.37 -0.29
N PHE A 183 -9.48 2.26 0.70
CA PHE A 183 -8.95 0.95 1.03
C PHE A 183 -9.95 0.10 1.82
N ASN A 184 -10.81 0.73 2.64
CA ASN A 184 -11.88 -0.05 3.24
C ASN A 184 -12.87 -0.54 2.20
N ALA A 185 -13.09 0.23 1.13
CA ALA A 185 -14.09 -0.16 0.15
C ALA A 185 -13.70 -1.39 -0.67
N PHE A 186 -12.42 -1.77 -0.73
CA PHE A 186 -12.08 -3.04 -1.38
C PHE A 186 -12.55 -4.25 -0.57
N GLY A 187 -12.86 -4.06 0.72
CA GLY A 187 -13.25 -5.17 1.55
C GLY A 187 -14.68 -5.62 1.29
N PRO A 188 -15.10 -6.63 2.04
CA PRO A 188 -16.49 -7.07 2.02
C PRO A 188 -17.38 -6.04 2.68
N PRO A 189 -18.70 -6.18 2.55
CA PRO A 189 -19.65 -5.23 3.16
C PRO A 189 -19.80 -5.46 4.67
N ASN A 190 -18.70 -5.30 5.39
CA ASN A 190 -18.72 -5.32 6.83
C ASN A 190 -18.89 -3.89 7.36
N GLU A 191 -18.85 -3.74 8.68
CA GLU A 191 -19.07 -2.42 9.27
C GLU A 191 -18.01 -1.42 8.82
N LEU A 192 -16.74 -1.83 8.80
CA LEU A 192 -15.68 -0.93 8.35
C LEU A 192 -16.02 -0.32 7.00
N ARG A 193 -16.46 -1.15 6.05
CA ARG A 193 -16.74 -0.64 4.72
C ARG A 193 -17.99 0.22 4.72
N GLN A 194 -19.04 -0.25 5.37
CA GLN A 194 -20.31 0.45 5.27
C GLN A 194 -20.22 1.81 5.94
N THR A 195 -19.52 1.90 7.07
N THR A 195 -19.52 1.91 7.07
CA THR A 195 -19.34 3.17 7.76
CA THR A 195 -19.37 3.21 7.73
C THR A 195 -18.49 4.14 6.93
C THR A 195 -18.51 4.16 6.90
N ALA A 196 -17.45 3.64 6.27
CA ALA A 196 -16.63 4.49 5.42
C ALA A 196 -17.47 5.11 4.31
N ILE A 197 -18.24 4.28 3.62
CA ILE A 197 -19.03 4.80 2.51
C ILE A 197 -20.07 5.78 3.01
N GLU A 198 -20.66 5.51 4.19
CA GLU A 198 -21.65 6.43 4.74
C GLU A 198 -21.12 7.84 4.87
N ARG A 199 -19.85 7.99 5.25
CA ARG A 199 -19.23 9.26 5.59
C ARG A 199 -18.48 9.90 4.42
N SER A 200 -18.60 9.33 3.23
CA SER A 200 -17.65 9.60 2.16
C SER A 200 -17.88 10.91 1.43
N ALA A 201 -19.11 11.44 1.42
CA ALA A 201 -19.44 12.47 0.43
C ALA A 201 -18.52 13.69 0.51
N PRO A 202 -18.22 14.25 1.69
CA PRO A 202 -17.35 15.43 1.72
C PRO A 202 -15.95 15.14 1.25
N HIS A 203 -15.45 13.92 1.48
CA HIS A 203 -14.10 13.62 1.07
C HIS A 203 -14.02 13.41 -0.43
N GLN A 204 -15.02 12.72 -1.01
CA GLN A 204 -15.09 12.60 -2.46
C GLN A 204 -15.15 13.96 -3.13
N ALA A 205 -15.99 14.85 -2.57
CA ALA A 205 -16.16 16.17 -3.15
C ALA A 205 -14.84 16.93 -3.18
N TYR A 206 -14.13 16.93 -2.06
CA TYR A 206 -12.84 17.60 -2.02
C TYR A 206 -11.87 16.98 -3.03
N VAL A 207 -11.72 15.66 -3.01
CA VAL A 207 -10.70 15.03 -3.83
C VAL A 207 -11.01 15.26 -5.29
N ASN A 208 -12.26 15.06 -5.70
CA ASN A 208 -12.61 15.25 -7.10
C ASN A 208 -12.33 16.67 -7.57
N GLU A 209 -12.59 17.67 -6.72
CA GLU A 209 -12.32 19.04 -7.13
C GLU A 209 -10.82 19.30 -7.32
N GLN A 210 -9.98 18.76 -6.42
CA GLN A 210 -8.54 19.01 -6.55
C GLN A 210 -7.94 18.34 -7.79
N CYS A 211 -8.65 17.42 -8.43
CA CYS A 211 -8.14 16.73 -9.60
C CYS A 211 -8.24 17.56 -10.88
N GLN A 212 -8.93 18.69 -10.82
CA GLN A 212 -9.07 19.54 -12.00
C GLN A 212 -7.81 20.37 -12.22
N ARG A 213 -7.40 20.48 -13.48
CA ARG A 213 -6.13 21.13 -13.81
C ARG A 213 -5.88 22.47 -13.11
N PRO A 214 -6.84 23.40 -13.02
CA PRO A 214 -6.52 24.71 -12.42
C PRO A 214 -6.22 24.64 -10.94
N ASN A 215 -6.52 23.53 -10.28
CA ASN A 215 -6.32 23.44 -8.84
C ASN A 215 -5.01 22.75 -8.48
N LEU A 216 -4.17 22.47 -9.47
CA LEU A 216 -2.92 21.77 -9.24
C LEU A 216 -1.74 22.67 -9.59
N ALA A 217 -0.88 22.92 -8.60
CA ALA A 217 0.18 23.92 -8.75
C ALA A 217 1.22 23.49 -9.79
N PRO A 218 1.79 24.46 -10.51
CA PRO A 218 2.80 24.13 -11.52
C PRO A 218 3.94 23.29 -10.96
N GLY A 219 4.43 22.36 -11.77
CA GLY A 219 5.58 21.56 -11.41
C GLY A 219 5.30 20.32 -10.58
N GLY A 220 4.10 20.20 -9.99
CA GLY A 220 3.78 19.04 -9.18
C GLY A 220 3.26 17.86 -9.99
N PHE A 221 2.99 16.75 -9.29
CA PHE A 221 2.61 15.53 -9.98
C PHE A 221 1.31 15.72 -10.74
N GLY A 222 0.35 16.44 -10.13
CA GLY A 222 -0.95 16.62 -10.78
C GLY A 222 -0.84 17.41 -12.08
N ALA A 223 -0.11 18.53 -12.03
CA ALA A 223 0.10 19.32 -13.25
C ALA A 223 0.84 18.51 -14.29
N CYS A 224 1.77 17.64 -13.88
CA CYS A 224 2.47 16.82 -14.85
CA CYS A 224 2.46 16.83 -14.87
C CYS A 224 1.53 15.84 -15.54
N ILE A 225 0.62 15.22 -14.78
CA ILE A 225 -0.37 14.35 -15.42
C ILE A 225 -1.15 15.11 -16.48
N HIS A 226 -1.67 16.28 -16.12
CA HIS A 226 -2.42 17.06 -17.11
C HIS A 226 -1.55 17.44 -18.29
N ALA A 227 -0.25 17.68 -18.06
CA ALA A 227 0.60 18.06 -19.20
C ALA A 227 0.78 16.91 -20.18
N PHE A 228 0.54 15.68 -19.75
CA PHE A 228 0.70 14.52 -20.61
C PHE A 228 -0.52 14.26 -21.47
N THR A 229 -1.48 15.17 -21.47
CA THR A 229 -2.74 14.93 -22.17
C THR A 229 -2.69 15.31 -23.63
N ASP A 230 -1.52 15.60 -24.18
CA ASP A 230 -1.46 15.99 -25.58
C ASP A 230 -0.51 15.10 -26.37
N THR A 231 -0.06 13.99 -25.78
CA THR A 231 0.85 13.08 -26.45
C THR A 231 0.14 11.94 -27.19
N GLY A 232 -1.18 11.80 -27.02
CA GLY A 232 -1.85 10.61 -27.51
C GLY A 232 -1.88 9.45 -26.55
N GLU A 233 -1.32 9.61 -25.36
CA GLU A 233 -1.40 8.52 -24.40
C GLU A 233 -2.65 8.60 -23.55
N ILE A 234 -3.01 9.80 -23.09
CA ILE A 234 -4.27 10.03 -22.41
C ILE A 234 -4.87 11.30 -22.98
N THR A 235 -6.19 11.41 -22.87
CA THR A 235 -6.88 12.64 -23.24
C THR A 235 -7.12 13.50 -22.01
N PRO A 236 -7.42 14.78 -22.22
CA PRO A 236 -7.66 15.66 -21.07
C PRO A 236 -8.71 15.13 -20.09
N ASP A 237 -9.75 14.45 -20.57
CA ASP A 237 -10.79 13.96 -19.67
C ASP A 237 -10.35 12.76 -18.83
N GLU A 238 -9.19 12.17 -19.15
CA GLU A 238 -8.62 11.10 -18.32
C GLU A 238 -7.76 11.64 -17.19
N ALA A 239 -7.25 12.86 -17.32
CA ALA A 239 -6.27 13.32 -16.35
C ALA A 239 -6.86 13.47 -14.96
N PRO A 240 -8.09 13.97 -14.76
CA PRO A 240 -8.57 14.08 -13.38
C PRO A 240 -8.60 12.73 -12.67
N LEU A 241 -9.03 11.65 -13.33
CA LEU A 241 -9.08 10.37 -12.65
C LEU A 241 -7.69 9.83 -12.37
N LEU A 242 -6.68 10.19 -13.19
CA LEU A 242 -5.34 9.73 -12.86
C LEU A 242 -4.74 10.51 -11.71
N VAL A 243 -5.03 11.82 -11.60
CA VAL A 243 -4.70 12.53 -10.37
C VAL A 243 -5.40 11.86 -9.19
N ARG A 244 -6.67 11.48 -9.37
CA ARG A 244 -7.40 10.80 -8.30
C ARG A 244 -6.66 9.55 -7.84
N SER A 245 -6.06 8.83 -8.79
CA SER A 245 -5.31 7.63 -8.41
C SER A 245 -4.19 7.96 -7.43
N LEU A 246 -3.47 9.06 -7.64
CA LEU A 246 -2.35 9.38 -6.76
C LEU A 246 -2.86 9.88 -5.42
N LEU A 247 -4.00 10.57 -5.40
CA LEU A 247 -4.59 11.02 -4.15
C LEU A 247 -5.25 9.86 -3.40
N SER A 248 -5.54 8.76 -4.10
CA SER A 248 -6.10 7.58 -3.45
C SER A 248 -5.02 6.72 -2.81
N ALA A 249 -3.98 6.40 -3.60
CA ALA A 249 -3.00 5.39 -3.24
C ALA A 249 -1.68 5.98 -2.77
N GLY A 250 -1.50 7.30 -2.86
CA GLY A 250 -0.18 7.86 -2.70
C GLY A 250 0.20 8.30 -1.31
N LEU A 251 -0.73 8.35 -0.37
CA LEU A 251 -0.44 8.87 0.97
C LEU A 251 -0.61 7.84 2.08
N ASP A 252 -1.79 7.23 2.21
CA ASP A 252 -2.05 6.32 3.32
C ASP A 252 -1.15 5.07 3.28
N THR A 253 -0.81 4.62 2.07
CA THR A 253 0.12 3.53 1.90
C THR A 253 1.46 3.86 2.54
N THR A 254 1.99 5.05 2.22
CA THR A 254 3.29 5.45 2.75
C THR A 254 3.26 5.66 4.26
N VAL A 255 2.14 6.16 4.79
CA VAL A 255 1.97 6.27 6.24
C VAL A 255 2.18 4.92 6.89
N ASN A 256 1.52 3.90 6.34
CA ASN A 256 1.64 2.58 6.94
C ASN A 256 2.99 1.92 6.64
N GLY A 257 3.62 2.24 5.51
CA GLY A 257 4.97 1.76 5.27
C GLY A 257 5.99 2.35 6.23
N ILE A 258 5.98 3.66 6.38
CA ILE A 258 6.91 4.28 7.32
C ILE A 258 6.60 3.86 8.75
N GLY A 259 5.31 3.82 9.12
CA GLY A 259 4.95 3.33 10.43
C GLY A 259 5.42 1.90 10.67
N ALA A 260 5.32 1.04 9.64
CA ALA A 260 5.83 -0.32 9.76
C ALA A 260 7.32 -0.33 10.04
N ALA A 261 8.09 0.49 9.29
CA ALA A 261 9.54 0.52 9.48
C ALA A 261 9.92 0.99 10.88
N VAL A 262 9.25 2.04 11.38
CA VAL A 262 9.55 2.49 12.73
C VAL A 262 9.17 1.43 13.75
N TYR A 263 8.02 0.77 13.55
CA TYR A 263 7.62 -0.29 14.46
C TYR A 263 8.63 -1.43 14.45
N CYS A 264 9.15 -1.76 13.28
CA CYS A 264 10.16 -2.81 13.22
C CYS A 264 11.40 -2.40 13.98
N LEU A 265 11.87 -1.16 13.76
CA LEU A 265 13.09 -0.72 14.44
C LEU A 265 12.87 -0.64 15.95
N ALA A 266 11.65 -0.31 16.37
CA ALA A 266 11.33 -0.24 17.79
C ALA A 266 11.35 -1.63 18.42
N ARG A 267 10.92 -2.65 17.67
CA ARG A 267 10.86 -4.00 18.21
C ARG A 267 12.16 -4.79 18.04
N PHE A 268 13.01 -4.40 17.09
CA PHE A 268 14.25 -5.12 16.79
C PHE A 268 15.41 -4.15 16.99
N PRO A 269 15.77 -3.83 18.24
CA PRO A 269 16.84 -2.85 18.47
C PRO A 269 18.15 -3.24 17.84
N GLY A 270 18.44 -4.54 17.70
CA GLY A 270 19.65 -4.95 17.03
C GLY A 270 19.71 -4.47 15.59
N GLU A 271 18.57 -4.42 14.94
CA GLU A 271 18.52 -3.95 13.56
C GLU A 271 18.61 -2.43 13.50
N LEU A 272 18.06 -1.71 14.47
CA LEU A 272 18.33 -0.28 14.55
C LEU A 272 19.83 -0.03 14.69
N GLN A 273 20.51 -0.86 15.48
CA GLN A 273 21.93 -0.64 15.68
C GLN A 273 22.73 -0.94 14.41
N ARG A 274 22.31 -1.94 13.64
CA ARG A 274 23.00 -2.18 12.37
C ARG A 274 22.75 -1.03 11.41
N LEU A 275 21.53 -0.51 11.39
CA LEU A 275 21.21 0.62 10.52
C LEU A 275 21.99 1.87 10.89
N ARG A 276 22.12 2.16 12.20
CA ARG A 276 22.97 3.27 12.63
C ARG A 276 24.39 3.10 12.14
N SER A 277 24.89 1.86 12.18
CA SER A 277 26.29 1.66 11.81
C SER A 277 26.53 1.80 10.33
N ASP A 278 25.49 1.65 9.50
CA ASP A 278 25.63 1.83 8.06
C ASP A 278 24.33 2.42 7.53
N PRO A 279 24.22 3.75 7.55
CA PRO A 279 22.98 4.37 7.06
C PRO A 279 22.67 4.07 5.60
N THR A 280 23.62 3.58 4.81
CA THR A 280 23.26 3.23 3.43
C THR A 280 22.39 1.99 3.37
N LEU A 281 22.16 1.29 4.48
CA LEU A 281 21.15 0.24 4.56
C LEU A 281 19.72 0.77 4.64
N ALA A 282 19.52 2.08 4.65
CA ALA A 282 18.19 2.65 4.88
C ALA A 282 17.18 2.15 3.85
N ARG A 283 17.56 2.14 2.57
CA ARG A 283 16.59 1.75 1.55
C ARG A 283 16.17 0.29 1.74
N ASN A 284 17.13 -0.59 1.99
CA ASN A 284 16.77 -1.99 2.18
C ASN A 284 16.06 -2.23 3.50
N ALA A 285 16.40 -1.47 4.55
CA ALA A 285 15.66 -1.58 5.79
C ALA A 285 14.18 -1.23 5.59
N PHE A 286 13.91 -0.24 4.74
CA PHE A 286 12.52 0.08 4.44
C PHE A 286 11.87 -1.00 3.59
N GLU A 287 12.57 -1.49 2.57
CA GLU A 287 12.00 -2.56 1.76
C GLU A 287 11.67 -3.78 2.63
N GLU A 288 12.57 -4.12 3.56
CA GLU A 288 12.32 -5.26 4.44
C GLU A 288 11.11 -5.00 5.33
N ALA A 289 10.91 -3.74 5.74
CA ALA A 289 9.73 -3.43 6.53
C ALA A 289 8.45 -3.62 5.70
N VAL A 290 8.51 -3.29 4.42
CA VAL A 290 7.36 -3.52 3.54
C VAL A 290 7.08 -5.01 3.43
N ARG A 291 8.13 -5.83 3.31
CA ARG A 291 7.90 -7.28 3.26
C ARG A 291 7.34 -7.76 4.59
N PHE A 292 7.95 -7.32 5.68
CA PHE A 292 7.69 -7.89 7.00
C PHE A 292 6.28 -7.53 7.49
N GLU A 293 5.87 -6.29 7.30
CA GLU A 293 4.54 -5.91 7.76
C GLU A 293 3.50 -5.97 6.64
N SER A 294 3.91 -5.79 5.38
CA SER A 294 3.01 -5.74 4.23
C SER A 294 1.85 -4.77 4.48
N PRO A 295 2.13 -3.48 4.49
CA PRO A 295 1.07 -2.49 4.75
C PRO A 295 -0.13 -2.65 3.87
N VAL A 296 0.04 -3.10 2.63
CA VAL A 296 -1.06 -3.53 1.78
C VAL A 296 -1.15 -5.04 1.93
N GLN A 297 -2.23 -5.52 2.53
CA GLN A 297 -2.35 -6.95 2.87
C GLN A 297 -2.91 -7.80 1.75
N THR A 298 -3.84 -7.27 0.97
CA THR A 298 -4.69 -8.11 0.12
C THR A 298 -5.03 -7.39 -1.16
N VAL A 299 -5.12 -8.16 -2.25
CA VAL A 299 -5.75 -7.69 -3.49
C VAL A 299 -6.57 -8.85 -4.04
N PHE A 300 -7.65 -8.52 -4.72
CA PHE A 300 -8.45 -9.52 -5.43
C PHE A 300 -8.19 -9.42 -6.94
N ARG A 301 -8.54 -10.52 -7.62
CA ARG A 301 -8.71 -10.59 -9.07
C ARG A 301 -10.01 -11.33 -9.35
N THR A 302 -10.45 -11.30 -10.61
CA THR A 302 -11.63 -12.05 -11.04
C THR A 302 -11.25 -12.92 -12.22
N THR A 303 -11.60 -14.21 -12.18
CA THR A 303 -11.23 -15.10 -13.29
C THR A 303 -12.05 -14.77 -14.53
N THR A 304 -11.40 -14.80 -15.69
CA THR A 304 -12.07 -14.53 -16.96
C THR A 304 -12.41 -15.80 -17.72
N ARG A 305 -11.99 -16.94 -17.19
CA ARG A 305 -12.27 -18.26 -17.75
C ARG A 305 -12.12 -19.28 -16.63
N GLU A 306 -12.56 -20.50 -16.91
CA GLU A 306 -12.19 -21.61 -16.07
C GLU A 306 -10.68 -21.81 -16.13
N VAL A 307 -10.07 -22.08 -14.97
CA VAL A 307 -8.61 -22.10 -14.86
C VAL A 307 -8.20 -23.12 -13.80
N GLU A 308 -7.09 -23.81 -14.06
CA GLU A 308 -6.48 -24.68 -13.08
C GLU A 308 -5.40 -23.91 -12.34
N LEU A 309 -5.52 -23.83 -11.02
CA LEU A 309 -4.51 -23.19 -10.20
C LEU A 309 -4.26 -24.05 -8.99
N GLY A 310 -3.01 -24.43 -8.77
CA GLY A 310 -2.69 -25.33 -7.67
C GLY A 310 -3.62 -26.52 -7.56
N GLY A 311 -3.93 -27.15 -8.70
CA GLY A 311 -4.73 -28.36 -8.73
C GLY A 311 -6.22 -28.18 -8.54
N ALA A 312 -6.70 -26.97 -8.32
CA ALA A 312 -8.13 -26.70 -8.25
C ALA A 312 -8.59 -26.11 -9.57
N VAL A 313 -9.80 -26.46 -9.99
CA VAL A 313 -10.42 -25.88 -11.16
C VAL A 313 -11.34 -24.77 -10.67
N ILE A 314 -10.96 -23.54 -10.96
CA ILE A 314 -11.76 -22.37 -10.61
C ILE A 314 -12.58 -21.96 -11.82
N GLY A 315 -13.88 -21.80 -11.63
CA GLY A 315 -14.74 -21.42 -12.73
C GLY A 315 -14.53 -19.98 -13.16
N GLU A 316 -15.13 -19.64 -14.30
CA GLU A 316 -15.13 -18.25 -14.77
C GLU A 316 -15.90 -17.36 -13.81
N GLY A 317 -15.46 -16.11 -13.72
CA GLY A 317 -16.20 -15.10 -12.99
C GLY A 317 -16.14 -15.24 -11.48
N GLU A 318 -15.05 -15.83 -10.97
CA GLU A 318 -14.88 -16.07 -9.54
C GLU A 318 -13.89 -15.08 -8.98
N LYS A 319 -14.16 -14.59 -7.78
CA LYS A 319 -13.19 -13.74 -7.09
C LYS A 319 -12.11 -14.59 -6.43
N VAL A 320 -10.87 -14.14 -6.57
CA VAL A 320 -9.70 -14.79 -5.99
C VAL A 320 -8.99 -13.76 -5.13
N LEU A 321 -8.78 -14.09 -3.86
CA LEU A 321 -8.14 -13.20 -2.89
C LEU A 321 -6.69 -13.62 -2.68
N MET A 322 -5.77 -12.67 -2.93
N MET A 322 -5.77 -12.68 -2.95
CA MET A 322 -4.34 -12.90 -2.74
CA MET A 322 -4.35 -12.90 -2.72
C MET A 322 -3.87 -12.28 -1.43
C MET A 322 -3.94 -12.30 -1.39
N PHE A 323 -3.24 -13.10 -0.59
CA PHE A 323 -2.72 -12.66 0.70
C PHE A 323 -1.26 -12.25 0.50
N LEU A 324 -1.03 -10.96 0.20
CA LEU A 324 0.32 -10.48 -0.05
C LEU A 324 1.18 -10.60 1.19
N GLY A 325 0.60 -10.28 2.35
CA GLY A 325 1.37 -10.36 3.58
C GLY A 325 1.76 -11.79 3.91
N SER A 326 0.86 -12.73 3.63
CA SER A 326 1.17 -14.16 3.85
C SER A 326 2.23 -14.65 2.86
N ALA A 327 2.10 -14.27 1.59
CA ALA A 327 3.13 -14.61 0.61
C ALA A 327 4.51 -14.12 1.04
N ASN A 328 4.56 -12.92 1.63
CA ASN A 328 5.80 -12.31 2.10
C ASN A 328 6.32 -12.94 3.38
N ARG A 329 5.58 -13.89 3.98
CA ARG A 329 6.06 -14.61 5.15
C ARG A 329 6.03 -16.12 4.94
N ASP A 330 5.89 -16.55 3.68
CA ASP A 330 5.76 -17.97 3.37
C ASP A 330 7.13 -18.63 3.53
N PRO A 331 7.29 -19.59 4.44
CA PRO A 331 8.60 -20.24 4.61
C PRO A 331 9.02 -21.07 3.41
N ARG A 332 8.09 -21.38 2.50
CA ARG A 332 8.45 -22.03 1.26
C ARG A 332 9.33 -21.14 0.40
N ARG A 333 9.24 -19.82 0.58
CA ARG A 333 9.99 -18.85 -0.18
C ARG A 333 11.06 -18.14 0.61
N TRP A 334 10.86 -17.90 1.91
CA TRP A 334 11.74 -17.04 2.69
C TRP A 334 12.37 -17.83 3.82
N SER A 335 13.66 -17.61 4.05
N SER A 335 13.66 -17.60 4.07
CA SER A 335 14.30 -18.12 5.25
CA SER A 335 14.31 -18.13 5.26
C SER A 335 13.96 -17.22 6.43
C SER A 335 13.99 -17.23 6.44
N ASP A 336 13.58 -17.82 7.55
CA ASP A 336 13.24 -17.10 8.77
C ASP A 336 12.31 -15.93 8.43
N PRO A 337 11.14 -16.22 7.86
CA PRO A 337 10.28 -15.15 7.36
C PRO A 337 9.80 -14.20 8.44
N ASP A 338 9.69 -14.68 9.67
CA ASP A 338 9.19 -13.86 10.77
C ASP A 338 10.30 -13.04 11.44
N LEU A 339 11.46 -12.97 10.83
CA LEU A 339 12.53 -12.11 11.32
C LEU A 339 12.65 -10.87 10.46
N TYR A 340 12.81 -9.73 11.11
CA TYR A 340 13.11 -8.46 10.44
C TYR A 340 14.62 -8.37 10.25
N ASP A 341 15.07 -8.41 8.99
CA ASP A 341 16.50 -8.49 8.68
C ASP A 341 16.83 -7.43 7.62
N ILE A 342 17.51 -6.35 8.02
CA ILE A 342 17.68 -5.24 7.10
C ILE A 342 18.72 -5.52 6.02
N THR A 343 19.43 -6.64 6.10
CA THR A 343 20.30 -7.04 4.99
C THR A 343 19.74 -8.21 4.19
N ARG A 344 18.48 -8.59 4.42
CA ARG A 344 17.84 -9.64 3.63
C ARG A 344 17.85 -9.27 2.15
N LYS A 345 18.02 -10.28 1.30
CA LYS A 345 17.73 -10.08 -0.12
C LYS A 345 16.21 -10.08 -0.29
N THR A 346 15.63 -8.88 -0.40
CA THR A 346 14.18 -8.69 -0.44
C THR A 346 13.59 -8.76 -1.84
N SER A 347 14.41 -8.81 -2.89
N SER A 347 14.42 -8.82 -2.89
N SER A 347 14.42 -8.82 -2.89
CA SER A 347 13.91 -8.83 -4.25
CA SER A 347 13.90 -8.84 -4.25
CA SER A 347 13.91 -8.85 -4.25
C SER A 347 12.95 -10.00 -4.45
C SER A 347 12.94 -10.00 -4.43
C SER A 347 12.93 -10.01 -4.43
N GLY A 348 11.78 -9.71 -5.01
CA GLY A 348 10.76 -10.71 -5.20
C GLY A 348 9.62 -10.64 -4.21
N HIS A 349 9.75 -9.89 -3.12
CA HIS A 349 8.58 -9.76 -2.26
C HIS A 349 7.45 -9.11 -3.05
N VAL A 350 6.21 -9.34 -2.58
CA VAL A 350 5.03 -8.88 -3.30
C VAL A 350 4.29 -7.77 -2.54
N GLY A 351 4.99 -7.07 -1.64
CA GLY A 351 4.38 -5.97 -0.93
C GLY A 351 3.97 -4.79 -1.81
N PHE A 352 4.61 -4.62 -2.96
CA PHE A 352 4.21 -3.65 -3.98
C PHE A 352 3.49 -4.32 -5.14
N GLY A 353 3.11 -5.58 -5.01
CA GLY A 353 2.52 -6.32 -6.11
C GLY A 353 3.60 -6.92 -7.01
N SER A 354 3.18 -7.32 -8.20
CA SER A 354 4.05 -7.99 -9.14
C SER A 354 3.39 -7.99 -10.51
N GLY A 355 4.18 -7.79 -11.55
CA GLY A 355 3.63 -7.79 -12.90
C GLY A 355 3.16 -6.44 -13.37
N VAL A 356 2.11 -6.42 -14.21
CA VAL A 356 1.82 -5.20 -14.96
C VAL A 356 1.26 -4.10 -14.07
N HIS A 357 0.63 -4.46 -12.94
CA HIS A 357 0.10 -3.47 -12.02
C HIS A 357 1.02 -3.20 -10.84
N MET A 358 2.24 -3.75 -10.84
CA MET A 358 3.14 -3.54 -9.72
C MET A 358 3.27 -2.04 -9.43
N CYS A 359 3.17 -1.70 -8.15
CA CYS A 359 2.99 -0.31 -7.73
C CYS A 359 3.72 0.72 -8.60
N VAL A 360 2.98 1.56 -9.32
CA VAL A 360 3.63 2.57 -10.17
C VAL A 360 4.25 3.69 -9.34
N GLY A 361 3.84 3.85 -8.08
CA GLY A 361 4.42 4.80 -7.16
C GLY A 361 5.55 4.28 -6.30
N GLN A 362 6.12 3.12 -6.61
CA GLN A 362 7.09 2.50 -5.71
C GLN A 362 8.34 3.38 -5.52
N LEU A 363 8.72 4.17 -6.53
CA LEU A 363 9.90 5.02 -6.34
C LEU A 363 9.63 6.17 -5.37
N VAL A 364 8.40 6.68 -5.33
CA VAL A 364 8.05 7.67 -4.32
C VAL A 364 8.01 7.04 -2.93
N ALA A 365 7.42 5.85 -2.84
CA ALA A 365 7.35 5.17 -1.55
C ALA A 365 8.75 4.92 -1.02
N ARG A 366 9.61 4.37 -1.85
CA ARG A 366 10.95 4.03 -1.42
C ARG A 366 11.75 5.29 -1.11
N LEU A 367 11.56 6.36 -1.88
CA LEU A 367 12.28 7.59 -1.57
C LEU A 367 11.92 8.11 -0.17
N GLU A 368 10.62 8.20 0.13
CA GLU A 368 10.18 8.64 1.45
C GLU A 368 10.72 7.75 2.55
N GLY A 369 10.57 6.43 2.38
CA GLY A 369 11.04 5.51 3.40
C GLY A 369 12.53 5.60 3.59
N GLU A 370 13.28 5.65 2.48
CA GLU A 370 14.74 5.73 2.58
C GLU A 370 15.18 6.98 3.34
N VAL A 371 14.66 8.15 2.95
CA VAL A 371 15.21 9.37 3.57
C VAL A 371 14.78 9.46 5.02
N MET A 372 13.61 8.93 5.38
CA MET A 372 13.23 8.93 6.78
C MET A 372 14.10 7.97 7.59
N LEU A 373 14.33 6.76 7.08
CA LEU A 373 15.18 5.83 7.83
C LEU A 373 16.63 6.32 7.87
N SER A 374 17.08 7.06 6.83
CA SER A 374 18.41 7.66 6.90
C SER A 374 18.50 8.70 8.01
N ALA A 375 17.48 9.55 8.13
CA ALA A 375 17.44 10.52 9.20
C ALA A 375 17.46 9.84 10.57
N LEU A 376 16.66 8.77 10.75
CA LEU A 376 16.70 8.03 12.01
C LEU A 376 18.07 7.43 12.25
N ALA A 377 18.66 6.85 11.19
CA ALA A 377 19.95 6.19 11.35
C ALA A 377 21.01 7.16 11.83
N ARG A 378 20.99 8.39 11.31
CA ARG A 378 22.05 9.34 11.63
C ARG A 378 21.81 10.09 12.94
N LYS A 379 20.57 10.18 13.40
CA LYS A 379 20.21 11.09 14.47
C LYS A 379 19.71 10.44 15.74
N VAL A 380 19.27 9.17 15.70
CA VAL A 380 18.61 8.52 16.82
C VAL A 380 19.44 7.34 17.29
N ALA A 381 19.61 7.24 18.61
CA ALA A 381 20.35 6.11 19.18
C ALA A 381 19.46 4.99 19.66
N ALA A 382 18.24 5.30 20.09
CA ALA A 382 17.32 4.27 20.56
C ALA A 382 15.89 4.70 20.28
N ILE A 383 15.04 3.70 20.05
CA ILE A 383 13.59 3.88 19.86
C ILE A 383 12.94 2.89 20.80
N ASP A 384 12.31 3.39 21.86
CA ASP A 384 11.73 2.53 22.90
C ASP A 384 10.24 2.79 23.00
N ILE A 385 9.44 1.75 22.79
CA ILE A 385 8.01 1.86 23.02
C ILE A 385 7.77 2.20 24.47
N ASP A 386 7.02 3.27 24.73
CA ASP A 386 6.83 3.73 26.10
C ASP A 386 5.37 4.06 26.38
N GLY A 387 4.45 3.35 25.74
CA GLY A 387 3.05 3.57 25.90
C GLY A 387 2.26 2.47 25.22
N PRO A 388 0.94 2.46 25.40
CA PRO A 388 0.12 1.40 24.78
C PRO A 388 0.11 1.52 23.27
N VAL A 389 0.39 0.40 22.59
CA VAL A 389 0.34 0.35 21.14
C VAL A 389 -1.10 0.06 20.73
N LYS A 390 -1.62 0.82 19.76
CA LYS A 390 -3.00 0.66 19.31
C LYS A 390 -2.99 0.38 17.81
N ARG A 391 -3.68 -0.66 17.38
CA ARG A 391 -3.77 -0.99 15.97
C ARG A 391 -4.88 -0.20 15.28
N ARG A 392 -4.68 0.06 14.01
CA ARG A 392 -5.65 0.74 13.16
C ARG A 392 -6.24 -0.31 12.22
N PHE A 393 -7.56 -0.41 12.18
CA PHE A 393 -8.22 -1.46 11.41
C PHE A 393 -8.70 -0.92 10.07
N ASN A 394 -8.38 -1.65 9.00
CA ASN A 394 -8.76 -1.30 7.64
C ASN A 394 -8.87 -2.60 6.85
N ASN A 395 -9.84 -2.67 5.93
CA ASN A 395 -10.05 -3.92 5.21
C ASN A 395 -8.88 -4.31 4.32
N THR A 396 -8.01 -3.36 3.93
CA THR A 396 -6.91 -3.66 3.02
C THR A 396 -5.56 -3.30 3.60
N LEU A 397 -5.48 -2.28 4.45
CA LEU A 397 -4.21 -1.80 4.98
C LEU A 397 -3.97 -2.34 6.38
N ARG A 398 -2.72 -2.67 6.67
CA ARG A 398 -2.29 -3.09 7.99
C ARG A 398 -1.40 -2.00 8.58
N GLY A 399 -1.71 -1.57 9.79
CA GLY A 399 -0.85 -0.56 10.39
C GLY A 399 -1.40 -0.17 11.75
N LEU A 400 -0.71 0.79 12.36
CA LEU A 400 -1.02 1.17 13.72
C LEU A 400 -1.74 2.51 13.78
N GLU A 401 -2.56 2.65 14.80
CA GLU A 401 -3.21 3.91 15.17
C GLU A 401 -2.32 4.77 16.05
N SER A 402 -1.64 4.14 16.99
CA SER A 402 -0.83 4.87 17.94
C SER A 402 0.40 4.02 18.28
N LEU A 403 1.57 4.65 18.25
CA LEU A 403 2.84 3.99 18.54
C LEU A 403 3.66 4.92 19.43
N PRO A 404 3.40 4.94 20.73
CA PRO A 404 4.17 5.85 21.61
C PRO A 404 5.59 5.35 21.78
N VAL A 405 6.55 6.22 21.45
CA VAL A 405 7.97 5.88 21.56
C VAL A 405 8.71 7.02 22.22
N LYS A 406 9.77 6.67 22.92
CA LYS A 406 10.80 7.59 23.32
C LYS A 406 11.95 7.50 22.33
N LEU A 407 12.35 8.64 21.78
CA LEU A 407 13.52 8.72 20.90
C LEU A 407 14.71 9.25 21.71
N THR A 408 15.77 8.47 21.77
CA THR A 408 17.01 8.96 22.36
C THR A 408 17.94 9.48 21.29
N PRO A 409 18.46 10.70 21.43
CA PRO A 409 19.36 11.24 20.40
C PRO A 409 20.71 10.54 20.41
N ALA A 410 21.29 10.45 19.22
CA ALA A 410 22.63 9.88 19.03
C ALA A 410 23.65 10.82 19.63
CHA HEM B . -0.57 -0.26 -7.11
CHB HEM B . 1.35 -1.17 -2.69
CHC HEM B . 2.72 3.48 -2.42
CHD HEM B . 0.19 4.51 -6.41
C1A HEM B . -0.10 -0.90 -5.98
C2A HEM B . -0.20 -2.33 -5.74
C3A HEM B . 0.33 -2.59 -4.53
C4A HEM B . 0.76 -1.34 -3.95
CMA HEM B . 0.44 -3.97 -3.84
CAA HEM B . -0.74 -3.38 -6.73
CBA HEM B . -2.26 -3.47 -6.72
CGA HEM B . -2.74 -4.58 -7.61
O1A HEM B . -3.96 -4.62 -7.88
O2A HEM B . -1.92 -5.40 -8.08
C1B HEM B . 1.89 0.00 -2.23
C2B HEM B . 2.65 0.19 -1.02
C3B HEM B . 3.00 1.48 -0.95
C4B HEM B . 2.51 2.15 -2.13
CMB HEM B . 2.93 -0.94 0.02
CAB HEM B . 3.83 2.21 0.13
CBB HEM B . 4.66 1.59 0.99
C1C HEM B . 2.19 4.17 -3.50
C2C HEM B . 2.47 5.53 -3.85
C3C HEM B . 1.76 5.82 -4.95
C4C HEM B . 1.05 4.63 -5.33
CMC HEM B . 3.40 6.47 -3.04
CAC HEM B . 1.67 7.14 -5.76
CBC HEM B . 2.39 8.22 -5.47
C1D HEM B . -0.25 3.29 -6.93
C2D HEM B . -1.04 3.12 -8.13
C3D HEM B . -1.23 1.81 -8.32
C4D HEM B . -0.58 1.10 -7.24
CMD HEM B . -1.53 4.31 -8.99
CAD HEM B . -1.98 1.12 -9.47
CBD HEM B . -0.91 0.71 -10.50
CGD HEM B . -1.48 -0.11 -11.64
O1D HEM B . -0.77 -0.33 -12.68
O2D HEM B . -2.63 -0.57 -11.52
NA HEM B . 0.48 -0.32 -4.85
NB HEM B . 1.81 1.23 -2.87
NC HEM B . 1.36 3.62 -4.44
ND HEM B . 0.01 2.05 -6.38
FE HEM B . 1.14 1.62 -4.76
O1 Z7Z C . -7.29 4.99 -7.40
C1 Z7Z C . -6.31 4.28 -7.71
O2 Z7Z C . -5.97 4.19 -8.92
C2 Z7Z C . -5.73 3.28 -6.76
C3 Z7Z C . -6.39 3.00 -5.57
C4 Z7Z C . -5.93 2.01 -4.73
C5 Z7Z C . -4.63 2.53 -7.13
C6 Z7Z C . -4.16 1.52 -6.28
C7 Z7Z C . -4.81 1.29 -5.08
C8 Z7Z C . -4.34 0.08 -4.31
C9 Z7Z C . -5.36 -0.86 -4.10
C10 Z7Z C . -3.05 -0.26 -4.04
C11 Z7Z C . -5.11 -2.08 -3.49
C12 Z7Z C . -2.79 -1.46 -3.42
C13 Z7Z C . -3.80 -2.38 -3.16
H31 Z7Z C . -7.15 3.49 -5.34
H41 Z7Z C . -6.38 1.80 -3.95
H51 Z7Z C . -4.20 2.69 -7.95
H61 Z7Z C . -3.43 1.00 -6.53
H91 Z7Z C . -6.24 -0.65 -4.34
H101 Z7Z C . -2.37 0.35 -4.21
H111 Z7Z C . -5.80 -2.67 -3.31
H121 Z7Z C . -1.92 -1.67 -3.17
H131 Z7Z C . -3.61 -3.18 -2.73
CL CL D . -13.89 10.13 -5.44
MG MG E . -6.50 -29.90 5.44
#